data_8X4L
#
_entry.id   8X4L
#
_cell.length_a   116.220
_cell.length_b   80.550
_cell.length_c   84.380
_cell.angle_alpha   90.00
_cell.angle_beta   114.94
_cell.angle_gamma   90.00
#
_symmetry.space_group_name_H-M   'C 1 2 1'
#
loop_
_entity.id
_entity.type
_entity.pdbx_description
1 polymer 'Probable ribosomal RNA small subunit methyltransferase A'
2 non-polymer 'ZINC ION'
3 non-polymer 'SULFITE ION'
4 non-polymer 1,2-ETHANEDIOL
5 non-polymer ARGININE
6 non-polymer GLYCEROL
7 non-polymer DI(HYDROXYETHYL)ETHER
8 water water
#
_entity_poly.entity_id   1
_entity_poly.type   'polypeptide(L)'
_entity_poly.pdbx_seq_one_letter_code
;MSSRIRINTKSLLVQPGYSGSKMRDRLFFLLSKYGIRPRDSIGQHFLIIEDVIEKAIETANVNENDVILEVGPGLGFLTD
ELAKRAKKVYTIEIDQKIIEILKKEYSWNNVKIIQGDAVRVEWPKFNKVVSAIPYKISSPFTFKLLKTDFERAVVMYQLE
FALRMVAKPGSRNYSRLSLMAQALGNVEIVMKIGKGAFYPRPKVDSALVLIEPRKDKIVLNENLVKALFQHRRKTVPRAL
KDSIHMLGVSKDEIRGIINNVPHSNKRVFQLYPEEVKDIEEYLKKHGIIS
;
_entity_poly.pdbx_strand_id   A,B
#
loop_
_chem_comp.id
_chem_comp.type
_chem_comp.name
_chem_comp.formula
EDO non-polymer 1,2-ETHANEDIOL 'C2 H6 O2'
GOL non-polymer GLYCEROL 'C3 H8 O3'
PEG non-polymer DI(HYDROXYETHYL)ETHER 'C4 H10 O3'
SO3 non-polymer 'SULFITE ION' 'O3 S -2'
ZN non-polymer 'ZINC ION' 'Zn 2'
#
# COMPACT_ATOMS: atom_id res chain seq x y z
N SER A 21 -17.15 -35.03 -16.55
CA SER A 21 -16.04 -35.75 -15.88
C SER A 21 -16.50 -36.29 -14.52
N LYS A 22 -15.63 -37.05 -13.89
CA LYS A 22 -15.84 -37.64 -12.58
C LYS A 22 -15.74 -36.54 -11.49
N MET A 23 -14.95 -35.47 -11.72
CA MET A 23 -14.65 -34.47 -10.69
C MET A 23 -15.67 -33.33 -10.71
N ARG A 24 -16.21 -33.00 -11.89
CA ARG A 24 -17.35 -32.09 -12.00
C ARG A 24 -18.54 -32.63 -11.21
N ASP A 25 -18.78 -33.96 -11.27
CA ASP A 25 -19.86 -34.61 -10.54
C ASP A 25 -19.70 -34.48 -9.03
N ARG A 26 -18.51 -34.76 -8.54
CA ARG A 26 -18.22 -34.71 -7.11
C ARG A 26 -18.42 -33.27 -6.60
N LEU A 27 -18.20 -32.29 -7.48
CA LEU A 27 -18.37 -30.89 -7.14
C LEU A 27 -19.86 -30.57 -6.93
N PHE A 28 -20.64 -30.80 -8.00
CA PHE A 28 -22.09 -30.73 -7.98
C PHE A 28 -22.65 -31.43 -6.74
N PHE A 29 -22.06 -32.55 -6.37
CA PHE A 29 -22.60 -33.30 -5.27
C PHE A 29 -22.33 -32.59 -3.94
N LEU A 30 -21.14 -32.01 -3.79
CA LEU A 30 -20.78 -31.38 -2.52
C LEU A 30 -21.45 -30.02 -2.37
N LEU A 31 -21.63 -29.31 -3.49
CA LEU A 31 -22.28 -28.01 -3.50
C LEU A 31 -23.71 -28.15 -2.98
N SER A 32 -24.39 -29.22 -3.43
CA SER A 32 -25.79 -29.39 -3.11
C SER A 32 -25.91 -29.99 -1.72
N LYS A 33 -24.97 -30.86 -1.33
CA LYS A 33 -24.96 -31.49 -0.03
C LYS A 33 -24.91 -30.44 1.08
N TYR A 34 -24.17 -29.36 0.86
CA TYR A 34 -24.01 -28.33 1.86
C TYR A 34 -24.85 -27.11 1.48
N GLY A 35 -25.69 -27.26 0.45
CA GLY A 35 -26.59 -26.22 -0.04
C GLY A 35 -25.89 -24.92 -0.44
N ILE A 36 -24.59 -24.95 -0.75
CA ILE A 36 -23.84 -23.72 -1.00
C ILE A 36 -23.78 -23.41 -2.49
N ARG A 37 -23.18 -22.26 -2.74
CA ARG A 37 -23.40 -21.45 -3.91
C ARG A 37 -22.51 -21.91 -5.05
N PRO A 38 -22.99 -21.95 -6.32
CA PRO A 38 -22.12 -22.21 -7.47
C PRO A 38 -20.94 -21.24 -7.47
N ARG A 39 -21.27 -19.94 -7.36
CA ARG A 39 -20.35 -18.83 -7.17
C ARG A 39 -20.64 -18.14 -5.83
N ASP A 40 -19.67 -18.13 -4.89
CA ASP A 40 -19.81 -17.46 -3.60
C ASP A 40 -19.55 -15.96 -3.83
N SER A 41 -18.45 -15.63 -4.53
CA SER A 41 -18.31 -14.31 -5.17
C SER A 41 -18.04 -14.47 -6.67
N ILE A 42 -17.50 -13.44 -7.35
CA ILE A 42 -17.33 -13.52 -8.80
C ILE A 42 -16.09 -14.23 -9.35
N GLY A 43 -14.97 -14.13 -8.64
CA GLY A 43 -13.74 -14.80 -9.05
C GLY A 43 -13.66 -16.22 -8.50
N GLN A 44 -14.82 -16.85 -8.28
CA GLN A 44 -14.92 -18.20 -7.78
C GLN A 44 -15.15 -19.15 -8.95
N HIS A 45 -14.18 -20.03 -9.15
CA HIS A 45 -14.10 -21.02 -10.22
C HIS A 45 -13.31 -22.18 -9.63
N PHE A 46 -13.86 -23.40 -9.67
CA PHE A 46 -13.17 -24.53 -9.07
C PHE A 46 -12.48 -25.29 -10.20
N LEU A 47 -11.24 -25.76 -9.95
CA LEU A 47 -10.52 -26.60 -10.91
C LEU A 47 -11.09 -28.03 -10.88
N ILE A 48 -11.47 -28.57 -12.05
CA ILE A 48 -12.22 -29.83 -12.14
C ILE A 48 -11.57 -30.84 -13.11
N ILE A 49 -10.26 -30.72 -13.39
CA ILE A 49 -9.54 -31.70 -14.23
C ILE A 49 -8.41 -32.29 -13.40
N GLU A 50 -8.41 -33.61 -13.17
CA GLU A 50 -7.44 -34.23 -12.28
C GLU A 50 -6.04 -34.13 -12.90
N ASP A 51 -5.95 -34.03 -14.23
CA ASP A 51 -4.66 -34.09 -14.90
C ASP A 51 -3.95 -32.73 -14.83
N VAL A 52 -4.71 -31.63 -14.69
CA VAL A 52 -4.12 -30.31 -14.48
C VAL A 52 -3.55 -30.22 -13.06
N ILE A 53 -4.27 -30.81 -12.08
CA ILE A 53 -3.80 -30.95 -10.71
C ILE A 53 -2.50 -31.76 -10.68
N GLU A 54 -2.51 -32.99 -11.25
CA GLU A 54 -1.36 -33.88 -11.25
C GLU A 54 -0.17 -33.18 -11.94
N LYS A 55 -0.43 -32.43 -13.01
CA LYS A 55 0.63 -31.69 -13.69
C LYS A 55 1.24 -30.55 -12.85
N ALA A 56 0.45 -29.90 -11.99
CA ALA A 56 0.98 -28.84 -11.13
C ALA A 56 1.85 -29.45 -10.05
N ILE A 57 1.33 -30.53 -9.47
CA ILE A 57 2.02 -31.21 -8.39
C ILE A 57 3.35 -31.79 -8.89
N GLU A 58 3.36 -32.40 -10.08
CA GLU A 58 4.59 -32.95 -10.62
C GLU A 58 5.52 -31.81 -11.04
N THR A 59 4.99 -30.68 -11.54
CA THR A 59 5.83 -29.52 -11.85
C THR A 59 6.49 -28.96 -10.57
N ALA A 60 5.90 -29.16 -9.39
CA ALA A 60 6.45 -28.61 -8.16
C ALA A 60 7.37 -29.63 -7.46
N ASN A 61 7.36 -30.88 -7.93
CA ASN A 61 8.18 -31.97 -7.39
C ASN A 61 7.84 -32.20 -5.93
N VAL A 62 6.54 -32.24 -5.63
CA VAL A 62 6.11 -32.34 -4.25
C VAL A 62 6.57 -33.68 -3.72
N ASN A 63 7.29 -33.67 -2.59
CA ASN A 63 7.78 -34.89 -1.99
C ASN A 63 7.50 -34.92 -0.48
N GLU A 64 7.93 -36.02 0.15
CA GLU A 64 7.52 -36.41 1.50
C GLU A 64 8.15 -35.50 2.56
N ASN A 65 9.05 -34.58 2.16
CA ASN A 65 9.67 -33.62 3.09
C ASN A 65 9.18 -32.18 2.89
N ASP A 66 8.39 -31.93 1.84
CA ASP A 66 7.98 -30.58 1.48
C ASP A 66 6.89 -30.06 2.41
N VAL A 67 6.97 -28.77 2.77
CA VAL A 67 5.91 -28.04 3.45
C VAL A 67 5.30 -27.05 2.46
N ILE A 68 4.03 -27.27 2.09
CA ILE A 68 3.33 -26.54 1.03
C ILE A 68 2.41 -25.48 1.60
N LEU A 69 2.39 -24.30 0.95
CA LEU A 69 1.32 -23.33 1.11
C LEU A 69 0.35 -23.42 -0.06
N GLU A 70 -0.95 -23.47 0.26
CA GLU A 70 -2.02 -23.42 -0.78
C GLU A 70 -2.98 -22.30 -0.38
N VAL A 71 -3.51 -21.58 -1.36
CA VAL A 71 -4.42 -20.44 -1.08
C VAL A 71 -5.73 -20.70 -1.84
N GLY A 72 -6.85 -20.59 -1.15
CA GLY A 72 -8.14 -20.92 -1.79
C GLY A 72 -8.33 -22.41 -1.94
N PRO A 73 -8.44 -23.17 -0.84
CA PRO A 73 -8.60 -24.61 -0.92
C PRO A 73 -9.85 -24.99 -1.72
N GLY A 74 -10.89 -24.18 -1.66
CA GLY A 74 -12.14 -24.51 -2.35
C GLY A 74 -12.68 -25.79 -1.77
N LEU A 75 -13.03 -26.73 -2.63
CA LEU A 75 -13.60 -27.97 -2.13
C LEU A 75 -12.53 -29.03 -1.88
N GLY A 76 -11.24 -28.64 -1.96
CA GLY A 76 -10.15 -29.46 -1.46
C GLY A 76 -9.57 -30.45 -2.48
N PHE A 77 -9.89 -30.30 -3.78
CA PHE A 77 -9.45 -31.22 -4.82
C PHE A 77 -7.92 -31.21 -4.97
N LEU A 78 -7.32 -30.01 -5.14
CA LEU A 78 -5.87 -29.85 -5.10
C LEU A 78 -5.29 -30.21 -3.72
N THR A 79 -5.89 -29.70 -2.66
CA THR A 79 -5.43 -29.92 -1.30
C THR A 79 -5.25 -31.41 -1.01
N ASP A 80 -6.20 -32.23 -1.48
CA ASP A 80 -6.23 -33.67 -1.25
C ASP A 80 -5.03 -34.34 -1.92
N GLU A 81 -4.72 -33.91 -3.15
CA GLU A 81 -3.57 -34.42 -3.86
C GLU A 81 -2.29 -33.96 -3.16
N LEU A 82 -2.22 -32.73 -2.64
CA LEU A 82 -1.02 -32.24 -1.97
C LEU A 82 -0.79 -33.03 -0.68
N ALA A 83 -1.87 -33.26 0.09
CA ALA A 83 -1.75 -33.93 1.37
C ALA A 83 -1.27 -35.38 1.22
N LYS A 84 -1.64 -36.03 0.11
CA LYS A 84 -1.16 -37.36 -0.22
C LYS A 84 0.37 -37.40 -0.29
N ARG A 85 0.98 -36.34 -0.83
CA ARG A 85 2.37 -36.40 -1.25
C ARG A 85 3.34 -35.67 -0.31
N ALA A 86 2.88 -34.60 0.36
CA ALA A 86 3.74 -33.72 1.14
C ALA A 86 3.76 -34.11 2.62
N LYS A 87 4.65 -33.47 3.39
CA LYS A 87 4.70 -33.76 4.82
C LYS A 87 3.72 -32.87 5.58
N LYS A 88 3.54 -31.62 5.14
CA LYS A 88 2.64 -30.67 5.77
C LYS A 88 2.05 -29.76 4.69
N VAL A 89 0.76 -29.43 4.81
CA VAL A 89 0.12 -28.48 3.93
C VAL A 89 -0.58 -27.42 4.78
N TYR A 90 -0.31 -26.15 4.48
CA TYR A 90 -1.06 -25.06 5.06
C TYR A 90 -1.96 -24.45 3.99
N THR A 91 -3.25 -24.30 4.26
CA THR A 91 -4.16 -23.84 3.24
C THR A 91 -5.02 -22.73 3.83
N ILE A 92 -5.06 -21.58 3.15
CA ILE A 92 -5.65 -20.36 3.66
C ILE A 92 -6.99 -20.10 2.96
N GLU A 93 -8.08 -20.03 3.73
CA GLU A 93 -9.44 -19.89 3.21
C GLU A 93 -10.18 -18.82 4.02
N ILE A 94 -10.83 -17.92 3.27
CA ILE A 94 -11.54 -16.78 3.84
C ILE A 94 -12.90 -17.22 4.41
N ASP A 95 -13.59 -18.19 3.78
CA ASP A 95 -14.98 -18.54 4.04
C ASP A 95 -15.09 -19.69 5.06
N GLN A 96 -15.73 -19.43 6.20
CA GLN A 96 -15.81 -20.39 7.30
C GLN A 96 -16.66 -21.61 6.93
N LYS A 97 -17.54 -21.44 5.94
CA LYS A 97 -18.45 -22.50 5.53
C LYS A 97 -17.64 -23.55 4.76
N ILE A 98 -16.78 -23.09 3.84
CA ILE A 98 -15.85 -23.95 3.12
C ILE A 98 -14.97 -24.74 4.11
N ILE A 99 -14.51 -24.08 5.16
CA ILE A 99 -13.63 -24.72 6.13
C ILE A 99 -14.35 -25.87 6.82
N GLU A 100 -15.64 -25.68 7.13
CA GLU A 100 -16.38 -26.70 7.87
C GLU A 100 -16.64 -27.89 6.95
N ILE A 101 -16.76 -27.63 5.65
CA ILE A 101 -16.90 -28.68 4.66
C ILE A 101 -15.60 -29.49 4.56
N LEU A 102 -14.45 -28.79 4.50
CA LEU A 102 -13.16 -29.44 4.36
C LEU A 102 -12.90 -30.35 5.56
N LYS A 103 -13.35 -29.93 6.75
CA LYS A 103 -13.15 -30.68 7.97
C LYS A 103 -14.01 -31.94 8.00
N LYS A 104 -15.20 -31.85 7.41
CA LYS A 104 -16.17 -32.92 7.46
C LYS A 104 -15.91 -33.92 6.34
N GLU A 105 -15.42 -33.45 5.21
CA GLU A 105 -15.36 -34.27 4.02
C GLU A 105 -14.01 -34.97 3.85
N TYR A 106 -12.96 -34.51 4.56
CA TYR A 106 -11.64 -35.10 4.41
C TYR A 106 -11.07 -35.46 5.77
N SER A 107 -10.04 -36.31 5.75
CA SER A 107 -9.56 -36.96 6.96
C SER A 107 -8.08 -36.72 7.20
N TRP A 108 -7.47 -35.75 6.52
CA TRP A 108 -6.03 -35.52 6.49
C TRP A 108 -5.42 -35.46 7.88
N ASN A 109 -4.23 -36.04 8.04
CA ASN A 109 -3.44 -35.89 9.25
C ASN A 109 -2.55 -34.65 9.18
N ASN A 110 -2.28 -34.17 7.97
CA ASN A 110 -1.15 -33.28 7.72
C ASN A 110 -1.57 -31.95 7.09
N VAL A 111 -2.81 -31.51 7.31
CA VAL A 111 -3.27 -30.24 6.75
C VAL A 111 -3.70 -29.29 7.87
N LYS A 112 -3.16 -28.08 7.84
CA LYS A 112 -3.56 -27.00 8.74
C LYS A 112 -4.32 -25.96 7.92
N ILE A 113 -5.60 -25.76 8.22
CA ILE A 113 -6.47 -24.83 7.51
C ILE A 113 -6.44 -23.50 8.26
N ILE A 114 -6.18 -22.39 7.56
CA ILE A 114 -6.10 -21.10 8.20
C ILE A 114 -7.26 -20.23 7.71
N GLN A 115 -8.12 -19.78 8.64
CA GLN A 115 -9.20 -18.87 8.30
C GLN A 115 -8.59 -17.50 8.13
N GLY A 116 -8.78 -16.88 6.96
CA GLY A 116 -8.28 -15.53 6.77
C GLY A 116 -8.23 -15.11 5.31
N ASP A 117 -7.99 -13.80 5.11
CA ASP A 117 -7.56 -13.24 3.85
C ASP A 117 -6.09 -13.56 3.67
N ALA A 118 -5.77 -14.29 2.59
CA ALA A 118 -4.42 -14.77 2.34
C ALA A 118 -3.45 -13.61 2.16
N VAL A 119 -3.97 -12.45 1.73
CA VAL A 119 -3.14 -11.26 1.57
C VAL A 119 -2.82 -10.66 2.93
N ARG A 120 -3.71 -10.80 3.91
CA ARG A 120 -3.64 -10.02 5.13
C ARG A 120 -3.02 -10.84 6.26
N VAL A 121 -3.31 -12.15 6.35
CA VAL A 121 -2.84 -12.99 7.43
C VAL A 121 -1.33 -13.19 7.34
N GLU A 122 -0.70 -13.47 8.48
CA GLU A 122 0.71 -13.79 8.52
C GLU A 122 0.84 -15.20 7.96
N TRP A 123 1.91 -15.48 7.20
CA TRP A 123 2.06 -16.78 6.57
C TRP A 123 2.93 -17.68 7.43
N PRO A 124 2.63 -19.00 7.42
CA PRO A 124 3.51 -19.98 8.04
C PRO A 124 4.80 -20.13 7.26
N LYS A 125 5.75 -20.90 7.80
CA LYS A 125 7.02 -21.17 7.15
C LYS A 125 6.82 -22.36 6.21
N PHE A 126 7.09 -22.16 4.91
CA PHE A 126 6.91 -23.20 3.92
C PHE A 126 8.07 -23.17 2.93
N ASN A 127 8.35 -24.28 2.24
CA ASN A 127 9.35 -24.26 1.18
C ASN A 127 8.70 -24.25 -0.20
N LYS A 128 7.45 -24.69 -0.37
CA LYS A 128 6.85 -24.63 -1.70
C LYS A 128 5.40 -24.11 -1.66
N VAL A 129 4.98 -23.46 -2.75
CA VAL A 129 3.61 -23.03 -2.96
C VAL A 129 3.07 -23.83 -4.14
N VAL A 130 1.88 -24.44 -3.97
CA VAL A 130 1.14 -25.05 -5.07
C VAL A 130 -0.34 -24.65 -4.91
N SER A 131 -0.85 -23.80 -5.80
CA SER A 131 -2.16 -23.22 -5.59
C SER A 131 -2.74 -22.66 -6.89
N ALA A 132 -4.03 -22.86 -7.11
CA ALA A 132 -4.83 -21.96 -7.92
C ALA A 132 -4.94 -20.63 -7.16
N ILE A 133 -4.65 -19.50 -7.83
CA ILE A 133 -4.77 -18.22 -7.16
C ILE A 133 -6.01 -17.52 -7.73
N PRO A 134 -7.03 -17.21 -6.90
CA PRO A 134 -8.18 -16.42 -7.34
C PRO A 134 -7.70 -15.12 -7.98
N TYR A 135 -8.33 -14.73 -9.10
CA TYR A 135 -7.87 -13.58 -9.87
C TYR A 135 -7.92 -12.29 -9.05
N LYS A 136 -8.85 -12.21 -8.07
CA LYS A 136 -9.07 -10.98 -7.31
C LYS A 136 -7.84 -10.65 -6.44
N ILE A 137 -7.05 -11.68 -6.07
CA ILE A 137 -5.89 -11.51 -5.22
C ILE A 137 -4.58 -11.85 -5.97
N SER A 138 -4.59 -11.90 -7.30
CA SER A 138 -3.42 -12.37 -8.04
C SER A 138 -2.25 -11.41 -7.85
N SER A 139 -2.51 -10.12 -8.03
CA SER A 139 -1.50 -9.08 -7.88
C SER A 139 -0.93 -9.06 -6.46
N PRO A 140 -1.73 -8.83 -5.40
CA PRO A 140 -1.15 -8.76 -4.05
C PRO A 140 -0.47 -10.04 -3.55
N PHE A 141 -1.05 -11.20 -3.87
CA PHE A 141 -0.51 -12.48 -3.48
C PHE A 141 0.87 -12.66 -4.11
N THR A 142 0.98 -12.34 -5.40
CA THR A 142 2.24 -12.46 -6.10
C THR A 142 3.31 -11.51 -5.49
N PHE A 143 2.94 -10.28 -5.14
CA PHE A 143 3.91 -9.36 -4.57
C PHE A 143 4.41 -9.89 -3.22
N LYS A 144 3.49 -10.44 -2.42
CA LYS A 144 3.84 -10.98 -1.13
C LYS A 144 4.71 -12.22 -1.29
N LEU A 145 4.37 -13.08 -2.24
CA LEU A 145 5.11 -14.30 -2.46
C LEU A 145 6.56 -13.99 -2.76
N LEU A 146 6.79 -13.04 -3.68
CA LEU A 146 8.14 -12.69 -4.15
C LEU A 146 9.03 -12.15 -3.03
N LYS A 147 8.44 -11.62 -1.94
CA LYS A 147 9.21 -11.10 -0.83
C LYS A 147 9.48 -12.16 0.24
N THR A 148 9.06 -13.42 0.02
CA THR A 148 9.25 -14.46 1.03
C THR A 148 10.36 -15.43 0.59
N ASP A 149 10.86 -16.22 1.56
CA ASP A 149 11.77 -17.31 1.30
C ASP A 149 10.98 -18.57 0.91
N PHE A 150 11.23 -19.09 -0.30
CA PHE A 150 10.67 -20.35 -0.77
C PHE A 150 11.58 -20.94 -1.85
N GLU A 151 11.60 -22.28 -1.97
CA GLU A 151 12.32 -22.94 -3.06
C GLU A 151 11.58 -22.75 -4.40
N ARG A 152 10.27 -22.96 -4.42
CA ARG A 152 9.56 -23.17 -5.67
C ARG A 152 8.08 -22.83 -5.48
N ALA A 153 7.46 -22.16 -6.45
CA ALA A 153 6.03 -21.96 -6.43
C ALA A 153 5.46 -22.37 -7.78
N VAL A 154 4.43 -23.23 -7.77
CA VAL A 154 3.67 -23.52 -8.98
C VAL A 154 2.23 -23.01 -8.76
N VAL A 155 1.77 -22.08 -9.57
CA VAL A 155 0.53 -21.37 -9.28
C VAL A 155 -0.24 -21.16 -10.58
N MET A 156 -1.57 -21.20 -10.50
CA MET A 156 -2.41 -20.96 -11.66
C MET A 156 -3.00 -19.58 -11.53
N TYR A 157 -2.92 -18.86 -12.64
CA TYR A 157 -3.45 -17.52 -12.82
C TYR A 157 -4.22 -17.50 -14.12
N GLN A 158 -5.07 -16.48 -14.29
CA GLN A 158 -5.56 -16.09 -15.59
C GLN A 158 -4.39 -15.86 -16.54
N LEU A 159 -4.58 -16.17 -17.83
CA LEU A 159 -3.51 -16.11 -18.81
C LEU A 159 -2.98 -14.69 -18.98
N GLU A 160 -3.87 -13.69 -19.06
CA GLU A 160 -3.45 -12.31 -19.29
C GLU A 160 -2.51 -11.85 -18.18
N PHE A 161 -2.86 -12.21 -16.95
CA PHE A 161 -2.05 -11.85 -15.79
C PHE A 161 -0.69 -12.54 -15.82
N ALA A 162 -0.69 -13.85 -16.12
CA ALA A 162 0.52 -14.65 -16.27
C ALA A 162 1.45 -14.07 -17.32
N LEU A 163 0.88 -13.55 -18.42
CA LEU A 163 1.66 -12.94 -19.50
C LEU A 163 2.25 -11.60 -19.05
N ARG A 164 1.55 -10.84 -18.18
CA ARG A 164 2.05 -9.63 -17.55
C ARG A 164 3.27 -9.97 -16.68
N MET A 165 3.17 -11.06 -15.94
CA MET A 165 4.26 -11.50 -15.10
C MET A 165 5.54 -11.77 -15.88
N VAL A 166 5.45 -12.28 -17.13
CA VAL A 166 6.66 -12.58 -17.89
C VAL A 166 6.96 -11.47 -18.91
N ALA A 167 6.30 -10.32 -18.84
CA ALA A 167 6.47 -9.31 -19.88
C ALA A 167 7.87 -8.70 -19.80
N LYS A 168 8.39 -8.31 -20.97
CA LYS A 168 9.77 -7.83 -21.10
C LYS A 168 9.78 -6.31 -21.03
N PRO A 169 10.79 -5.68 -20.39
CA PRO A 169 10.92 -4.23 -20.36
C PRO A 169 10.71 -3.61 -21.73
N GLY A 170 9.83 -2.61 -21.77
CA GLY A 170 9.55 -1.92 -23.00
C GLY A 170 8.36 -2.49 -23.77
N SER A 171 7.82 -3.63 -23.33
CA SER A 171 6.63 -4.17 -23.98
C SER A 171 5.41 -3.44 -23.40
N ARG A 172 4.26 -3.59 -24.07
CA ARG A 172 3.11 -2.74 -23.77
C ARG A 172 2.47 -3.19 -22.45
N ASN A 173 2.64 -4.46 -22.03
CA ASN A 173 2.07 -4.92 -20.78
C ASN A 173 3.09 -4.95 -19.63
N TYR A 174 4.25 -4.31 -19.77
CA TYR A 174 5.25 -4.31 -18.72
C TYR A 174 4.88 -3.28 -17.64
N SER A 175 4.84 -3.76 -16.39
CA SER A 175 4.20 -3.05 -15.30
C SER A 175 4.95 -3.40 -14.02
N ARG A 176 4.51 -2.87 -12.89
CA ARG A 176 5.23 -3.07 -11.64
C ARG A 176 5.39 -4.56 -11.33
N LEU A 177 4.38 -5.35 -11.67
CA LEU A 177 4.40 -6.78 -11.41
C LEU A 177 5.52 -7.45 -12.22
N SER A 178 5.54 -7.15 -13.53
CA SER A 178 6.59 -7.60 -14.43
C SER A 178 7.98 -7.26 -13.88
N LEU A 179 8.13 -6.04 -13.36
CA LEU A 179 9.42 -5.59 -12.91
C LEU A 179 9.83 -6.36 -11.66
N MET A 180 8.92 -6.43 -10.69
CA MET A 180 9.23 -7.09 -9.44
C MET A 180 9.45 -8.58 -9.68
N ALA A 181 8.78 -9.17 -10.68
CA ALA A 181 8.91 -10.60 -10.92
C ALA A 181 10.29 -10.87 -11.50
N GLN A 182 10.71 -10.04 -12.46
CA GLN A 182 12.03 -10.14 -13.06
C GLN A 182 13.11 -9.86 -12.02
N ALA A 183 12.90 -8.80 -11.21
CA ALA A 183 13.87 -8.40 -10.19
C ALA A 183 14.09 -9.52 -9.18
N LEU A 184 13.04 -10.26 -8.81
CA LEU A 184 13.13 -11.11 -7.64
C LEU A 184 12.98 -12.60 -7.98
N GLY A 185 12.54 -12.94 -9.20
CA GLY A 185 12.24 -14.33 -9.53
C GLY A 185 12.69 -14.74 -10.93
N ASN A 186 12.75 -16.06 -11.14
CA ASN A 186 12.68 -16.67 -12.47
C ASN A 186 11.24 -17.13 -12.68
N VAL A 187 10.58 -16.63 -13.72
CA VAL A 187 9.19 -16.95 -13.94
C VAL A 187 9.00 -17.64 -15.30
N GLU A 188 8.37 -18.83 -15.29
CA GLU A 188 8.19 -19.65 -16.50
C GLU A 188 6.72 -20.02 -16.56
N ILE A 189 6.05 -19.70 -17.69
CA ILE A 189 4.74 -20.26 -17.98
C ILE A 189 4.95 -21.70 -18.45
N VAL A 190 4.38 -22.64 -17.69
CA VAL A 190 4.57 -24.06 -17.93
C VAL A 190 3.59 -24.54 -19.01
N MET A 191 2.30 -24.18 -18.90
CA MET A 191 1.34 -24.47 -19.96
C MET A 191 0.10 -23.59 -19.85
N LYS A 192 -0.60 -23.40 -20.97
CA LYS A 192 -1.93 -22.81 -21.02
C LYS A 192 -2.91 -23.83 -20.45
N ILE A 193 -3.98 -23.37 -19.79
CA ILE A 193 -5.03 -24.21 -19.27
C ILE A 193 -6.33 -23.66 -19.83
N GLY A 194 -7.14 -24.52 -20.46
CA GLY A 194 -8.38 -24.11 -21.08
C GLY A 194 -9.44 -23.77 -20.03
N LYS A 195 -10.42 -22.97 -20.48
CA LYS A 195 -11.63 -22.64 -19.75
C LYS A 195 -12.42 -23.89 -19.34
N GLY A 196 -12.29 -24.96 -20.12
CA GLY A 196 -12.98 -26.22 -19.84
C GLY A 196 -12.53 -26.88 -18.53
N ALA A 197 -11.48 -26.35 -17.89
CA ALA A 197 -10.89 -26.97 -16.71
C ALA A 197 -11.52 -26.47 -15.39
N PHE A 198 -12.37 -25.44 -15.45
CA PHE A 198 -13.01 -24.95 -14.23
C PHE A 198 -14.55 -25.02 -14.37
N TYR A 199 -15.25 -25.15 -13.23
CA TYR A 199 -16.66 -24.81 -13.08
C TYR A 199 -16.81 -23.72 -12.01
N PRO A 200 -17.54 -22.60 -12.28
CA PRO A 200 -18.10 -22.29 -13.59
C PRO A 200 -17.03 -22.08 -14.66
N ARG A 201 -17.42 -22.32 -15.93
CA ARG A 201 -16.54 -22.06 -17.05
C ARG A 201 -16.24 -20.57 -17.05
N PRO A 202 -14.96 -20.15 -16.89
CA PRO A 202 -14.59 -18.75 -17.08
C PRO A 202 -14.62 -18.37 -18.56
N LYS A 203 -14.35 -17.08 -18.84
CA LYS A 203 -14.43 -16.55 -20.18
C LYS A 203 -13.03 -16.31 -20.75
N VAL A 204 -12.00 -16.68 -19.99
CA VAL A 204 -10.62 -16.55 -20.42
C VAL A 204 -9.83 -17.76 -19.95
N ASP A 205 -8.72 -18.05 -20.64
CA ASP A 205 -7.82 -19.13 -20.29
C ASP A 205 -7.02 -18.81 -19.03
N SER A 206 -6.46 -19.84 -18.41
CA SER A 206 -5.52 -19.73 -17.32
C SER A 206 -4.15 -20.20 -17.78
N ALA A 207 -3.16 -20.06 -16.89
CA ALA A 207 -1.83 -20.58 -17.14
C ALA A 207 -1.21 -21.14 -15.88
N LEU A 208 -0.45 -22.24 -16.02
CA LEU A 208 0.36 -22.83 -14.96
C LEU A 208 1.74 -22.16 -14.96
N VAL A 209 2.06 -21.48 -13.86
CA VAL A 209 3.23 -20.63 -13.79
C VAL A 209 4.18 -21.19 -12.74
N LEU A 210 5.45 -21.32 -13.10
CA LEU A 210 6.49 -21.71 -12.16
C LEU A 210 7.32 -20.47 -11.77
N ILE A 211 7.57 -20.30 -10.47
CA ILE A 211 8.38 -19.23 -9.96
C ILE A 211 9.46 -19.84 -9.08
N GLU A 212 10.72 -19.48 -9.35
CA GLU A 212 11.81 -19.73 -8.43
C GLU A 212 12.46 -18.40 -8.06
N PRO A 213 12.92 -18.21 -6.81
CA PRO A 213 13.59 -16.95 -6.46
C PRO A 213 14.91 -16.82 -7.23
N ARG A 214 15.28 -15.60 -7.67
CA ARG A 214 16.63 -15.35 -8.15
C ARG A 214 17.66 -15.59 -7.04
N LYS A 215 18.77 -16.27 -7.38
CA LYS A 215 19.92 -16.34 -6.49
C LYS A 215 20.53 -14.95 -6.34
N ASP A 216 20.41 -14.14 -7.39
CA ASP A 216 20.98 -12.80 -7.44
C ASP A 216 19.83 -11.79 -7.47
N LYS A 217 19.12 -11.63 -6.34
CA LYS A 217 17.97 -10.72 -6.31
C LYS A 217 18.41 -9.27 -6.50
N ILE A 218 17.57 -8.48 -7.19
CA ILE A 218 17.69 -7.04 -7.21
C ILE A 218 16.58 -6.43 -6.32
N VAL A 219 16.96 -6.15 -5.07
CA VAL A 219 16.07 -5.64 -4.05
C VAL A 219 15.89 -4.15 -4.32
N LEU A 220 14.64 -3.78 -4.66
CA LEU A 220 14.26 -2.41 -4.96
C LEU A 220 13.38 -1.85 -3.83
N ASN A 221 13.47 -0.55 -3.60
CA ASN A 221 12.64 0.16 -2.63
C ASN A 221 11.22 0.24 -3.19
N GLU A 222 10.24 -0.31 -2.43
CA GLU A 222 8.84 -0.44 -2.86
C GLU A 222 8.20 0.91 -3.19
N ASN A 223 8.47 1.91 -2.33
CA ASN A 223 7.89 3.24 -2.49
C ASN A 223 8.33 3.85 -3.82
N LEU A 224 9.60 3.69 -4.15
CA LEU A 224 10.14 4.20 -5.40
C LEU A 224 9.45 3.51 -6.57
N VAL A 225 9.33 2.16 -6.53
CA VAL A 225 8.75 1.45 -7.66
C VAL A 225 7.31 1.90 -7.87
N LYS A 226 6.54 2.00 -6.76
CA LYS A 226 5.17 2.46 -6.79
C LYS A 226 5.07 3.85 -7.41
N ALA A 227 5.94 4.76 -6.95
CA ALA A 227 6.03 6.12 -7.44
C ALA A 227 6.22 6.13 -8.96
N LEU A 228 7.20 5.36 -9.42
CA LEU A 228 7.51 5.33 -10.84
C LEU A 228 6.38 4.71 -11.66
N PHE A 229 5.78 3.60 -11.18
CA PHE A 229 4.85 2.82 -12.00
C PHE A 229 3.39 3.24 -11.85
N GLN A 230 3.11 4.21 -10.97
CA GLN A 230 1.84 4.90 -10.93
C GLN A 230 1.36 5.24 -12.34
N HIS A 231 2.20 5.91 -13.13
CA HIS A 231 1.88 6.31 -14.48
C HIS A 231 3.04 5.92 -15.39
N ARG A 232 3.04 4.64 -15.81
CA ARG A 232 4.21 3.98 -16.37
C ARG A 232 4.53 4.46 -17.79
N ARG A 233 3.63 5.21 -18.43
CA ARG A 233 3.89 5.71 -19.78
C ARG A 233 4.71 7.00 -19.73
N LYS A 234 4.86 7.58 -18.54
CA LYS A 234 5.64 8.81 -18.38
C LYS A 234 7.14 8.55 -18.46
N THR A 235 7.88 9.55 -19.00
CA THR A 235 9.33 9.61 -18.88
C THR A 235 9.68 9.61 -17.39
N VAL A 236 10.88 9.10 -17.08
CA VAL A 236 11.35 8.87 -15.71
C VAL A 236 11.39 10.18 -14.92
N PRO A 237 11.90 11.32 -15.45
CA PRO A 237 11.91 12.58 -14.69
C PRO A 237 10.51 13.13 -14.37
N ARG A 238 9.61 13.14 -15.36
CA ARG A 238 8.23 13.56 -15.17
C ARG A 238 7.54 12.70 -14.09
N ALA A 239 7.82 11.38 -14.07
CA ALA A 239 7.17 10.47 -13.15
C ALA A 239 7.55 10.81 -11.71
N LEU A 240 8.84 11.10 -11.52
CA LEU A 240 9.40 11.37 -10.20
C LEU A 240 9.04 12.79 -9.73
N LYS A 241 8.93 13.74 -10.67
CA LYS A 241 8.56 15.10 -10.34
C LYS A 241 7.11 15.14 -9.83
N ASP A 242 6.23 14.40 -10.51
CA ASP A 242 4.82 14.38 -10.17
C ASP A 242 4.59 13.66 -8.83
N SER A 243 5.27 12.54 -8.60
CA SER A 243 4.93 11.69 -7.46
C SER A 243 5.48 12.20 -6.13
N ILE A 244 6.65 12.84 -6.14
CA ILE A 244 7.22 13.44 -4.94
C ILE A 244 6.51 14.77 -4.64
N HIS A 245 6.09 15.48 -5.70
CA HIS A 245 5.37 16.72 -5.51
C HIS A 245 4.08 16.45 -4.76
N MET A 246 3.48 15.29 -5.05
CA MET A 246 2.20 14.89 -4.49
C MET A 246 2.35 14.33 -3.06
N LEU A 247 3.47 13.65 -2.76
CA LEU A 247 3.82 13.34 -1.38
C LEU A 247 3.78 14.58 -0.49
N GLY A 248 4.08 15.77 -1.05
CA GLY A 248 3.91 17.03 -0.34
C GLY A 248 5.14 17.94 -0.33
N VAL A 249 6.09 17.72 -1.25
CA VAL A 249 7.37 18.44 -1.32
C VAL A 249 7.36 19.41 -2.52
N SER A 250 8.00 20.56 -2.34
CA SER A 250 7.99 21.61 -3.35
C SER A 250 8.63 21.12 -4.66
N LYS A 251 8.12 21.66 -5.78
CA LYS A 251 8.66 21.46 -7.12
C LYS A 251 10.06 22.07 -7.22
N ASP A 252 10.21 23.32 -6.73
CA ASP A 252 11.44 24.10 -6.84
C ASP A 252 12.59 23.36 -6.18
N GLU A 253 12.29 22.61 -5.10
CA GLU A 253 13.30 22.04 -4.23
C GLU A 253 13.98 20.83 -4.88
N ILE A 254 13.30 20.13 -5.82
CA ILE A 254 13.82 18.89 -6.39
C ILE A 254 14.03 18.95 -7.91
N ARG A 255 13.62 20.02 -8.58
CA ARG A 255 13.71 20.10 -10.04
C ARG A 255 15.07 19.63 -10.53
N GLY A 256 16.15 20.26 -10.07
CA GLY A 256 17.48 20.05 -10.60
C GLY A 256 18.07 18.69 -10.25
N ILE A 257 17.83 18.19 -9.04
CA ILE A 257 18.30 16.86 -8.65
C ILE A 257 17.67 15.82 -9.58
N ILE A 258 16.37 15.97 -9.87
CA ILE A 258 15.62 14.97 -10.61
C ILE A 258 15.94 15.06 -12.10
N ASN A 259 16.36 16.22 -12.59
CA ASN A 259 16.69 16.35 -13.99
C ASN A 259 17.95 15.55 -14.34
N ASN A 260 18.82 15.29 -13.36
CA ASN A 260 20.09 14.61 -13.60
C ASN A 260 20.04 13.11 -13.28
N VAL A 261 18.82 12.62 -13.02
CA VAL A 261 18.57 11.24 -12.68
C VAL A 261 19.12 10.33 -13.78
N PRO A 262 19.75 9.19 -13.44
CA PRO A 262 20.10 8.16 -14.43
C PRO A 262 18.90 7.63 -15.21
N HIS A 263 19.12 7.30 -16.46
CA HIS A 263 18.15 6.65 -17.33
C HIS A 263 17.00 7.60 -17.64
N SER A 264 17.30 8.91 -17.57
CA SER A 264 16.26 9.92 -17.74
C SER A 264 15.64 9.90 -19.14
N ASN A 265 16.28 9.25 -20.11
CA ASN A 265 15.76 9.26 -21.47
C ASN A 265 14.80 8.09 -21.70
N LYS A 266 14.34 7.42 -20.63
CA LYS A 266 13.42 6.31 -20.76
C LYS A 266 12.04 6.69 -20.19
N ARG A 267 11.03 5.99 -20.69
CA ARG A 267 9.74 5.94 -20.03
C ARG A 267 9.78 4.81 -19.01
N VAL A 268 8.97 4.94 -17.95
CA VAL A 268 9.09 4.02 -16.84
C VAL A 268 8.89 2.58 -17.30
N PHE A 269 8.03 2.36 -18.31
CA PHE A 269 7.65 1.01 -18.74
C PHE A 269 8.83 0.31 -19.43
N GLN A 270 9.97 1.01 -19.60
CA GLN A 270 11.10 0.47 -20.31
C GLN A 270 12.26 0.12 -19.37
N LEU A 271 12.08 0.32 -18.05
CA LEU A 271 13.18 0.14 -17.10
C LEU A 271 13.40 -1.33 -16.75
N TYR A 272 14.63 -1.80 -16.92
CA TYR A 272 15.12 -3.02 -16.29
C TYR A 272 15.23 -2.76 -14.79
N PRO A 273 15.07 -3.79 -13.93
CA PRO A 273 15.35 -3.64 -12.50
C PRO A 273 16.68 -2.96 -12.16
N GLU A 274 17.68 -3.22 -13.01
CA GLU A 274 19.04 -2.75 -12.80
C GLU A 274 18.99 -1.22 -12.88
N GLU A 275 18.17 -0.68 -13.79
CA GLU A 275 18.08 0.75 -14.03
C GLU A 275 17.29 1.44 -12.92
N VAL A 276 16.27 0.76 -12.39
CA VAL A 276 15.53 1.23 -11.24
C VAL A 276 16.50 1.35 -10.05
N LYS A 277 17.38 0.36 -9.90
CA LYS A 277 18.24 0.26 -8.74
C LYS A 277 19.25 1.44 -8.70
N ASP A 278 19.71 1.86 -9.88
CA ASP A 278 20.59 3.00 -10.03
C ASP A 278 19.89 4.30 -9.61
N ILE A 279 18.64 4.45 -10.06
CA ILE A 279 17.80 5.57 -9.70
C ILE A 279 17.66 5.56 -8.17
N GLU A 280 17.48 4.38 -7.57
CA GLU A 280 17.34 4.27 -6.14
C GLU A 280 18.59 4.85 -5.48
N GLU A 281 19.76 4.41 -5.94
CA GLU A 281 21.02 4.76 -5.32
C GLU A 281 21.33 6.23 -5.56
N TYR A 282 20.95 6.76 -6.73
CA TYR A 282 21.11 8.17 -7.03
C TYR A 282 20.27 9.02 -6.07
N LEU A 283 19.05 8.57 -5.77
CA LEU A 283 18.12 9.31 -4.93
C LEU A 283 18.45 9.16 -3.45
N LYS A 284 18.87 7.95 -3.02
CA LYS A 284 19.40 7.75 -1.68
C LYS A 284 20.50 8.79 -1.40
N LYS A 285 21.45 8.90 -2.33
CA LYS A 285 22.63 9.74 -2.21
C LYS A 285 22.26 11.23 -2.15
N HIS A 286 21.17 11.63 -2.82
CA HIS A 286 20.76 13.03 -2.88
C HIS A 286 19.73 13.38 -1.83
N GLY A 287 19.47 12.47 -0.88
CA GLY A 287 18.67 12.76 0.29
C GLY A 287 17.16 12.58 0.08
N ILE A 288 16.74 12.10 -1.09
CA ILE A 288 15.34 11.87 -1.41
C ILE A 288 14.87 10.57 -0.74
N ILE A 289 15.79 9.62 -0.51
CA ILE A 289 15.45 8.37 0.17
C ILE A 289 16.43 8.17 1.32
N SER A 290 15.98 7.45 2.36
CA SER A 290 16.85 7.03 3.45
C SER A 290 16.56 5.57 3.82
N SER B 21 15.32 34.15 16.00
CA SER B 21 16.79 34.05 15.77
C SER B 21 17.54 33.78 17.08
N LYS B 22 16.85 33.80 18.22
CA LYS B 22 17.42 33.33 19.47
C LYS B 22 17.34 31.79 19.48
N MET B 23 16.33 31.22 18.79
CA MET B 23 16.19 29.78 18.66
C MET B 23 16.96 29.26 17.45
N ARG B 24 17.14 30.07 16.40
CA ARG B 24 18.03 29.71 15.30
C ARG B 24 19.47 29.58 15.81
N ASP B 25 19.87 30.43 16.77
CA ASP B 25 21.19 30.35 17.39
C ASP B 25 21.39 29.04 18.15
N ARG B 26 20.40 28.62 18.97
CA ARG B 26 20.53 27.39 19.74
C ARG B 26 20.62 26.19 18.78
N LEU B 27 20.05 26.34 17.59
CA LEU B 27 20.10 25.31 16.57
C LEU B 27 21.53 25.17 16.03
N PHE B 28 22.05 26.27 15.46
CA PHE B 28 23.41 26.37 15.02
C PHE B 28 24.37 25.87 16.08
N PHE B 29 24.05 26.11 17.36
CA PHE B 29 24.97 25.69 18.40
C PHE B 29 24.95 24.18 18.56
N LEU B 30 23.77 23.55 18.44
CA LEU B 30 23.66 22.12 18.64
C LEU B 30 24.15 21.35 17.41
N LEU B 31 23.96 21.93 16.23
CA LEU B 31 24.43 21.35 14.99
C LEU B 31 25.96 21.20 15.02
N SER B 32 26.64 22.23 15.54
CA SER B 32 28.09 22.26 15.52
C SER B 32 28.62 21.42 16.68
N LYS B 33 27.91 21.43 17.81
CA LYS B 33 28.28 20.65 18.98
C LYS B 33 28.37 19.15 18.64
N TYR B 34 27.45 18.67 17.80
CA TYR B 34 27.41 17.27 17.45
C TYR B 34 27.95 17.06 16.05
N GLY B 35 28.54 18.12 15.47
CA GLY B 35 29.16 18.10 14.16
C GLY B 35 28.23 17.65 13.03
N ILE B 36 26.91 17.75 13.20
CA ILE B 36 25.97 17.21 12.22
C ILE B 36 25.48 18.30 11.28
N ARG B 37 24.59 17.91 10.37
CA ARG B 37 24.52 18.54 9.07
C ARG B 37 23.15 19.16 8.83
N PRO B 38 23.08 20.40 8.31
CA PRO B 38 21.78 21.04 8.06
C PRO B 38 20.91 20.20 7.11
N ARG B 39 21.49 19.80 5.97
CA ARG B 39 20.76 19.35 4.79
C ARG B 39 20.68 17.82 4.73
N ASP B 40 19.93 17.21 5.66
CA ASP B 40 19.96 15.76 5.89
C ASP B 40 19.04 15.06 4.89
N SER B 41 17.85 15.65 4.64
CA SER B 41 17.07 15.33 3.45
C SER B 41 16.60 16.63 2.78
N ILE B 42 15.54 16.55 1.96
CA ILE B 42 15.12 17.72 1.18
C ILE B 42 13.95 18.48 1.82
N GLY B 43 12.98 17.75 2.37
CA GLY B 43 11.88 18.37 3.09
C GLY B 43 12.23 18.60 4.56
N GLN B 44 13.54 18.72 4.86
CA GLN B 44 14.00 18.88 6.24
C GLN B 44 14.30 20.35 6.49
N HIS B 45 13.49 20.94 7.37
CA HIS B 45 13.43 22.36 7.66
C HIS B 45 12.99 22.44 9.12
N PHE B 46 13.79 23.07 9.98
CA PHE B 46 13.46 23.11 11.40
C PHE B 46 12.72 24.40 11.70
N LEU B 47 11.69 24.32 12.54
CA LEU B 47 10.92 25.48 12.96
C LEU B 47 11.74 26.24 14.02
N ILE B 48 11.94 27.55 13.81
CA ILE B 48 12.86 28.35 14.63
C ILE B 48 12.18 29.60 15.20
N ILE B 49 10.85 29.60 15.33
CA ILE B 49 10.10 30.66 15.99
C ILE B 49 9.33 30.04 17.15
N GLU B 50 9.61 30.49 18.38
CA GLU B 50 9.00 29.89 19.57
C GLU B 50 7.50 30.18 19.59
N ASP B 51 7.06 31.25 18.91
CA ASP B 51 5.68 31.70 18.97
C ASP B 51 4.79 30.81 18.09
N VAL B 52 5.36 30.23 17.02
CA VAL B 52 4.62 29.31 16.16
C VAL B 52 4.46 27.97 16.89
N ILE B 53 5.48 27.55 17.63
CA ILE B 53 5.40 26.38 18.51
C ILE B 53 4.31 26.58 19.56
N GLU B 54 4.38 27.68 20.33
CA GLU B 54 3.42 27.97 21.40
C GLU B 54 2.02 28.07 20.80
N LYS B 55 1.86 28.61 19.59
CA LYS B 55 0.56 28.71 18.93
C LYS B 55 -0.01 27.34 18.53
N ALA B 56 0.84 26.37 18.17
CA ALA B 56 0.38 25.04 17.81
C ALA B 56 -0.08 24.33 19.08
N ILE B 57 0.75 24.44 20.12
CA ILE B 57 0.47 23.81 21.40
C ILE B 57 -0.84 24.35 21.98
N GLU B 58 -1.06 25.67 21.95
CA GLU B 58 -2.28 26.24 22.49
C GLU B 58 -3.46 25.91 21.57
N THR B 59 -3.27 25.84 20.24
CA THR B 59 -4.33 25.39 19.35
C THR B 59 -4.74 23.94 19.63
N ALA B 60 -3.84 23.11 20.18
CA ALA B 60 -4.17 21.70 20.41
C ALA B 60 -4.67 21.48 21.84
N ASN B 61 -4.58 22.52 22.68
CA ASN B 61 -5.11 22.51 24.04
C ASN B 61 -4.38 21.47 24.88
N VAL B 62 -3.05 21.44 24.74
CA VAL B 62 -2.27 20.38 25.36
C VAL B 62 -2.41 20.53 26.86
N ASN B 63 -2.82 19.47 27.55
CA ASN B 63 -2.93 19.50 28.99
C ASN B 63 -2.28 18.26 29.63
N GLU B 64 -2.35 18.22 30.96
CA GLU B 64 -1.58 17.33 31.83
C GLU B 64 -2.07 15.88 31.72
N ASN B 65 -3.19 15.63 30.99
CA ASN B 65 -3.73 14.29 30.77
C ASN B 65 -3.55 13.79 29.34
N ASP B 66 -3.06 14.64 28.43
CA ASP B 66 -2.98 14.30 27.02
C ASP B 66 -1.81 13.35 26.74
N VAL B 67 -2.03 12.41 25.80
CA VAL B 67 -0.98 11.61 25.20
C VAL B 67 -0.76 12.09 23.78
N ILE B 68 0.43 12.67 23.50
CA ILE B 68 0.75 13.30 22.23
C ILE B 68 1.60 12.40 21.35
N LEU B 69 1.29 12.35 20.05
CA LEU B 69 2.22 11.88 19.03
C LEU B 69 2.85 13.06 18.31
N GLU B 70 4.18 13.00 18.17
CA GLU B 70 4.93 13.97 17.36
C GLU B 70 5.75 13.18 16.36
N VAL B 71 5.80 13.64 15.12
CA VAL B 71 6.63 12.97 14.08
C VAL B 71 7.66 14.00 13.61
N GLY B 72 8.94 13.63 13.60
CA GLY B 72 10.01 14.56 13.19
C GLY B 72 10.44 15.46 14.33
N PRO B 73 11.02 14.92 15.40
CA PRO B 73 11.41 15.72 16.54
C PRO B 73 12.58 16.67 16.28
N GLY B 74 13.32 16.48 15.19
CA GLY B 74 14.52 17.26 14.95
C GLY B 74 15.34 17.38 16.24
N LEU B 75 15.64 18.61 16.64
CA LEU B 75 16.49 18.84 17.80
C LEU B 75 15.67 19.08 19.07
N GLY B 76 14.37 18.77 19.01
CA GLY B 76 13.56 18.62 20.21
C GLY B 76 12.90 19.90 20.72
N PHE B 77 12.87 20.98 19.93
CA PHE B 77 12.34 22.27 20.36
C PHE B 77 10.84 22.18 20.66
N LEU B 78 10.04 21.66 19.71
CA LEU B 78 8.63 21.36 19.96
C LEU B 78 8.46 20.26 21.00
N THR B 79 9.23 19.17 20.89
CA THR B 79 9.13 18.03 21.78
C THR B 79 9.25 18.45 23.24
N ASP B 80 10.18 19.38 23.51
CA ASP B 80 10.47 19.83 24.86
C ASP B 80 9.29 20.62 25.39
N GLU B 81 8.67 21.46 24.55
CA GLU B 81 7.48 22.20 24.95
C GLU B 81 6.33 21.23 25.23
N LEU B 82 6.16 20.18 24.42
CA LEU B 82 5.08 19.23 24.62
C LEU B 82 5.30 18.44 25.90
N ALA B 83 6.53 17.98 26.16
CA ALA B 83 6.82 17.17 27.34
C ALA B 83 6.57 17.95 28.63
N LYS B 84 6.79 19.27 28.61
CA LYS B 84 6.51 20.14 29.74
C LYS B 84 5.02 20.14 30.08
N ARG B 85 4.13 19.99 29.10
CA ARG B 85 2.71 20.24 29.30
C ARG B 85 1.87 18.95 29.35
N ALA B 86 2.28 17.88 28.64
CA ALA B 86 1.50 16.68 28.47
C ALA B 86 1.86 15.62 29.50
N LYS B 87 1.11 14.50 29.51
CA LYS B 87 1.38 13.41 30.42
C LYS B 87 2.44 12.46 29.84
N LYS B 88 2.32 12.19 28.53
CA LYS B 88 3.21 11.30 27.81
C LYS B 88 3.34 11.86 26.38
N VAL B 89 4.56 11.79 25.85
CA VAL B 89 4.81 12.15 24.46
C VAL B 89 5.49 10.98 23.77
N TYR B 90 5.00 10.62 22.59
CA TYR B 90 5.69 9.68 21.71
C TYR B 90 6.22 10.45 20.50
N THR B 91 7.49 10.33 20.19
CA THR B 91 8.05 11.05 19.07
C THR B 91 8.81 10.07 18.16
N ILE B 92 8.51 10.11 16.85
CA ILE B 92 9.05 9.15 15.90
C ILE B 92 10.18 9.81 15.07
N GLU B 93 11.38 9.23 15.13
CA GLU B 93 12.55 9.73 14.40
C GLU B 93 13.27 8.58 13.70
N ILE B 94 13.59 8.78 12.42
CA ILE B 94 14.23 7.76 11.59
C ILE B 94 15.73 7.64 11.87
N ASP B 95 16.39 8.75 12.21
CA ASP B 95 17.84 8.89 12.26
C ASP B 95 18.36 8.65 13.68
N GLN B 96 19.20 7.61 13.85
CA GLN B 96 19.68 7.20 15.18
C GLN B 96 20.64 8.24 15.75
N LYS B 97 21.24 9.10 14.91
CA LYS B 97 22.15 10.13 15.36
C LYS B 97 21.38 11.21 16.13
N ILE B 98 20.25 11.63 15.54
CA ILE B 98 19.33 12.57 16.17
C ILE B 98 18.85 12.03 17.52
N ILE B 99 18.55 10.73 17.58
CA ILE B 99 18.03 10.13 18.78
C ILE B 99 19.07 10.21 19.90
N GLU B 100 20.35 10.00 19.57
CA GLU B 100 21.40 9.99 20.59
C GLU B 100 21.60 11.41 21.10
N ILE B 101 21.40 12.40 20.24
CA ILE B 101 21.45 13.79 20.63
C ILE B 101 20.29 14.15 21.57
N LEU B 102 19.06 13.68 21.25
CA LEU B 102 17.88 13.98 22.06
C LEU B 102 18.05 13.38 23.46
N LYS B 103 18.70 12.22 23.53
CA LYS B 103 18.94 11.55 24.81
C LYS B 103 19.98 12.30 25.64
N LYS B 104 20.95 12.93 24.98
CA LYS B 104 22.03 13.60 25.68
C LYS B 104 21.64 15.02 26.07
N GLU B 105 20.83 15.70 25.25
CA GLU B 105 20.60 17.12 25.47
C GLU B 105 19.38 17.39 26.35
N TYR B 106 18.51 16.39 26.53
CA TYR B 106 17.29 16.57 27.32
C TYR B 106 17.22 15.51 28.40
N SER B 107 16.36 15.75 29.39
CA SER B 107 16.27 14.92 30.57
C SER B 107 14.80 14.57 30.81
N TRP B 108 14.10 14.16 29.74
CA TRP B 108 12.68 13.88 29.78
C TRP B 108 12.39 12.59 30.51
N ASN B 109 11.47 12.64 31.49
CA ASN B 109 10.98 11.43 32.13
C ASN B 109 9.75 10.90 31.37
N ASN B 110 9.10 11.73 30.53
CA ASN B 110 7.80 11.42 29.98
C ASN B 110 7.77 11.37 28.45
N VAL B 111 8.90 11.08 27.81
CA VAL B 111 8.95 10.98 26.35
C VAL B 111 9.42 9.58 26.00
N LYS B 112 8.71 8.93 25.07
CA LYS B 112 9.20 7.73 24.39
C LYS B 112 9.57 8.10 22.97
N ILE B 113 10.87 7.99 22.64
CA ILE B 113 11.40 8.20 21.30
C ILE B 113 11.33 6.88 20.53
N ILE B 114 10.76 6.90 19.32
CA ILE B 114 10.57 5.68 18.54
C ILE B 114 11.44 5.79 17.29
N GLN B 115 12.40 4.87 17.14
CA GLN B 115 13.26 4.82 15.97
C GLN B 115 12.43 4.19 14.86
N GLY B 116 12.31 4.88 13.72
CA GLY B 116 11.63 4.28 12.58
C GLY B 116 11.13 5.29 11.56
N ASP B 117 10.62 4.75 10.44
CA ASP B 117 9.80 5.45 9.47
C ASP B 117 8.41 5.55 10.08
N ALA B 118 7.93 6.79 10.24
CA ALA B 118 6.66 7.08 10.87
C ALA B 118 5.50 6.43 10.10
N VAL B 119 5.68 6.20 8.80
CA VAL B 119 4.62 5.60 8.01
C VAL B 119 4.62 4.09 8.23
N ARG B 120 5.76 3.50 8.57
CA ARG B 120 5.91 2.04 8.58
C ARG B 120 5.71 1.47 10.00
N VAL B 121 6.23 2.16 11.03
CA VAL B 121 6.19 1.68 12.41
C VAL B 121 4.77 1.67 12.95
N GLU B 122 4.55 0.80 13.96
CA GLU B 122 3.33 0.76 14.73
C GLU B 122 3.23 2.04 15.56
N TRP B 123 2.01 2.57 15.69
CA TRP B 123 1.78 3.80 16.40
C TRP B 123 1.27 3.56 17.82
N PRO B 124 1.55 4.50 18.73
CA PRO B 124 0.95 4.46 20.07
C PRO B 124 -0.55 4.78 20.02
N LYS B 125 -1.21 4.54 21.15
CA LYS B 125 -2.55 5.05 21.40
C LYS B 125 -2.36 6.49 21.89
N PHE B 126 -2.85 7.46 21.13
CA PHE B 126 -2.70 8.85 21.49
C PHE B 126 -4.05 9.53 21.30
N ASN B 127 -4.27 10.61 22.05
CA ASN B 127 -5.45 11.42 21.80
C ASN B 127 -5.11 12.70 21.02
N LYS B 128 -3.86 13.15 20.98
CA LYS B 128 -3.56 14.33 20.19
C LYS B 128 -2.25 14.19 19.41
N VAL B 129 -2.22 14.81 18.23
CA VAL B 129 -1.01 14.97 17.45
C VAL B 129 -0.66 16.45 17.44
N VAL B 130 0.62 16.76 17.73
CA VAL B 130 1.17 18.09 17.57
C VAL B 130 2.53 17.91 16.93
N SER B 131 2.69 18.34 15.68
CA SER B 131 3.91 18.04 14.98
C SER B 131 4.06 18.95 13.76
N ALA B 132 5.28 19.42 13.49
CA ALA B 132 5.66 19.71 12.11
C ALA B 132 5.75 18.37 11.38
N ILE B 133 5.16 18.24 10.18
CA ILE B 133 5.27 16.98 9.45
C ILE B 133 6.32 17.19 8.35
N PRO B 134 7.43 16.40 8.35
CA PRO B 134 8.40 16.44 7.24
C PRO B 134 7.68 16.28 5.92
N TYR B 135 8.04 17.12 4.94
CA TYR B 135 7.14 17.33 3.81
C TYR B 135 7.15 16.08 2.92
N LYS B 136 8.20 15.24 2.96
CA LYS B 136 8.28 14.08 2.07
C LYS B 136 7.30 13.00 2.53
N ILE B 137 6.80 13.06 3.78
CA ILE B 137 5.85 12.07 4.30
C ILE B 137 4.46 12.69 4.56
N SER B 138 4.14 13.85 3.96
CA SER B 138 2.88 14.55 4.28
C SER B 138 1.68 13.70 3.89
N SER B 139 1.69 13.19 2.66
CA SER B 139 0.58 12.40 2.12
C SER B 139 0.40 11.09 2.90
N PRO B 140 1.41 10.20 3.00
CA PRO B 140 1.20 8.95 3.73
C PRO B 140 0.88 9.09 5.22
N PHE B 141 1.54 10.02 5.89
CA PHE B 141 1.30 10.30 7.30
C PHE B 141 -0.14 10.72 7.52
N THR B 142 -0.62 11.62 6.66
CA THR B 142 -1.98 12.11 6.78
C THR B 142 -2.97 10.96 6.56
N PHE B 143 -2.74 10.08 5.57
CA PHE B 143 -3.65 8.97 5.32
C PHE B 143 -3.74 8.06 6.54
N LYS B 144 -2.59 7.78 7.16
CA LYS B 144 -2.57 6.93 8.33
C LYS B 144 -3.27 7.61 9.52
N LEU B 145 -3.01 8.91 9.70
CA LEU B 145 -3.58 9.65 10.81
C LEU B 145 -5.10 9.57 10.77
N LEU B 146 -5.69 9.79 9.59
CA LEU B 146 -7.13 9.89 9.43
C LEU B 146 -7.83 8.56 9.75
N LYS B 147 -7.11 7.44 9.68
CA LYS B 147 -7.66 6.13 9.96
C LYS B 147 -7.49 5.76 11.44
N THR B 148 -6.94 6.65 12.28
CA THR B 148 -6.80 6.39 13.70
C THR B 148 -7.84 7.17 14.52
N ASP B 149 -8.05 6.74 15.76
CA ASP B 149 -8.89 7.46 16.72
C ASP B 149 -8.04 8.48 17.47
N PHE B 150 -8.42 9.76 17.36
CA PHE B 150 -7.78 10.85 18.11
C PHE B 150 -8.78 12.00 18.31
N GLU B 151 -8.62 12.78 19.39
CA GLU B 151 -9.44 13.97 19.62
C GLU B 151 -9.10 15.11 18.65
N ARG B 152 -7.81 15.39 18.44
CA ARG B 152 -7.38 16.63 17.80
C ARG B 152 -5.96 16.44 17.26
N ALA B 153 -5.68 16.95 16.07
CA ALA B 153 -4.33 17.01 15.55
C ALA B 153 -4.05 18.43 15.09
N VAL B 154 -2.91 18.98 15.49
CA VAL B 154 -2.43 20.26 14.99
C VAL B 154 -1.08 20.03 14.32
N VAL B 155 -0.97 20.25 13.00
CA VAL B 155 0.19 19.80 12.25
C VAL B 155 0.58 20.84 11.21
N MET B 156 1.89 20.96 10.93
CA MET B 156 2.36 21.89 9.91
C MET B 156 2.72 21.11 8.65
N TYR B 157 2.24 21.66 7.54
CA TYR B 157 2.48 21.21 6.19
C TYR B 157 2.89 22.41 5.35
N GLN B 158 3.41 22.16 4.16
CA GLN B 158 3.47 23.17 3.12
C GLN B 158 2.07 23.64 2.79
N LEU B 159 1.96 24.91 2.39
CA LEU B 159 0.67 25.54 2.09
C LEU B 159 -0.09 24.83 1.00
N GLU B 160 0.56 24.46 -0.10
CA GLU B 160 -0.10 23.87 -1.26
C GLU B 160 -0.75 22.55 -0.87
N PHE B 161 -0.06 21.77 -0.03
CA PHE B 161 -0.58 20.50 0.43
C PHE B 161 -1.77 20.72 1.37
N ALA B 162 -1.63 21.66 2.31
CA ALA B 162 -2.71 22.07 3.21
C ALA B 162 -3.97 22.50 2.45
N LEU B 163 -3.78 23.20 1.32
CA LEU B 163 -4.87 23.67 0.47
C LEU B 163 -5.56 22.47 -0.22
N ARG B 164 -4.77 21.44 -0.60
CA ARG B 164 -5.30 20.19 -1.16
C ARG B 164 -6.19 19.50 -0.12
N MET B 165 -5.73 19.49 1.12
CA MET B 165 -6.49 18.90 2.21
C MET B 165 -7.87 19.53 2.38
N VAL B 166 -8.03 20.84 2.16
CA VAL B 166 -9.33 21.47 2.35
C VAL B 166 -10.05 21.68 1.01
N ALA B 167 -9.58 21.11 -0.10
CA ALA B 167 -10.19 21.37 -1.39
C ALA B 167 -11.58 20.73 -1.45
N LYS B 168 -12.48 21.38 -2.21
CA LYS B 168 -13.89 21.00 -2.27
C LYS B 168 -14.11 20.13 -3.49
N PRO B 169 -14.99 19.11 -3.42
CA PRO B 169 -15.35 18.29 -4.57
C PRO B 169 -15.63 19.14 -5.78
N GLY B 170 -15.00 18.77 -6.90
CA GLY B 170 -15.20 19.49 -8.14
C GLY B 170 -14.19 20.62 -8.37
N SER B 171 -13.39 21.01 -7.35
CA SER B 171 -12.32 21.99 -7.57
C SER B 171 -11.12 21.30 -8.21
N ARG B 172 -10.20 22.11 -8.75
CA ARG B 172 -9.18 21.55 -9.63
C ARG B 172 -8.11 20.81 -8.80
N ASN B 173 -7.94 21.14 -7.52
CA ASN B 173 -6.97 20.46 -6.69
C ASN B 173 -7.60 19.36 -5.82
N TYR B 174 -8.85 18.96 -6.09
CA TYR B 174 -9.47 17.91 -5.28
C TYR B 174 -8.97 16.53 -5.73
N SER B 175 -8.49 15.75 -4.76
CA SER B 175 -7.69 14.57 -4.99
C SER B 175 -7.98 13.59 -3.88
N ARG B 176 -7.33 12.43 -3.89
CA ARG B 176 -7.67 11.38 -2.95
C ARG B 176 -7.54 11.88 -1.51
N LEU B 177 -6.53 12.71 -1.28
CA LEU B 177 -6.27 13.24 0.06
C LEU B 177 -7.45 14.11 0.53
N SER B 178 -7.87 15.05 -0.32
CA SER B 178 -9.02 15.89 -0.11
C SER B 178 -10.24 15.04 0.25
N LEU B 179 -10.45 13.95 -0.47
CA LEU B 179 -11.65 13.14 -0.26
C LEU B 179 -11.57 12.46 1.10
N MET B 180 -10.43 11.84 1.39
CA MET B 180 -10.27 11.12 2.64
C MET B 180 -10.32 12.10 3.81
N ALA B 181 -9.86 13.33 3.63
CA ALA B 181 -9.85 14.31 4.71
C ALA B 181 -11.27 14.74 5.05
N GLN B 182 -12.05 15.00 3.99
CA GLN B 182 -13.46 15.34 4.12
C GLN B 182 -14.24 14.16 4.70
N ALA B 183 -13.98 12.94 4.19
CA ALA B 183 -14.69 11.75 4.62
C ALA B 183 -14.45 11.48 6.09
N LEU B 184 -13.23 11.73 6.58
CA LEU B 184 -12.90 11.22 7.90
C LEU B 184 -12.71 12.32 8.92
N GLY B 185 -12.56 13.59 8.49
CA GLY B 185 -12.21 14.66 9.41
C GLY B 185 -12.94 15.98 9.15
N ASN B 186 -12.91 16.88 10.15
CA ASN B 186 -13.09 18.31 9.96
C ASN B 186 -11.71 18.96 9.89
N VAL B 187 -11.41 19.65 8.80
CA VAL B 187 -10.08 20.17 8.57
C VAL B 187 -10.12 21.69 8.43
N GLU B 188 -9.32 22.40 9.24
CA GLU B 188 -9.25 23.86 9.12
C GLU B 188 -7.77 24.24 9.03
N ILE B 189 -7.43 25.07 8.03
CA ILE B 189 -6.17 25.79 8.02
C ILE B 189 -6.26 26.90 9.07
N VAL B 190 -5.38 26.86 10.07
CA VAL B 190 -5.45 27.78 11.19
C VAL B 190 -4.77 29.10 10.82
N MET B 191 -3.55 29.03 10.26
CA MET B 191 -2.86 30.21 9.74
C MET B 191 -1.74 29.80 8.79
N LYS B 192 -1.36 30.72 7.89
CA LYS B 192 -0.16 30.62 7.07
C LYS B 192 1.05 30.82 7.98
N ILE B 193 2.15 30.17 7.61
CA ILE B 193 3.43 30.35 8.30
C ILE B 193 4.43 30.73 7.22
N GLY B 194 5.07 31.90 7.42
CA GLY B 194 6.03 32.43 6.47
C GLY B 194 7.29 31.57 6.47
N LYS B 195 7.99 31.56 5.33
CA LYS B 195 9.21 30.79 5.12
C LYS B 195 10.33 31.28 6.04
N GLY B 196 10.27 32.53 6.54
CA GLY B 196 11.21 33.03 7.54
C GLY B 196 11.19 32.26 8.87
N ALA B 197 10.24 31.35 9.08
CA ALA B 197 10.07 30.65 10.35
C ALA B 197 10.87 29.34 10.44
N PHE B 198 11.49 28.92 9.33
CA PHE B 198 12.26 27.68 9.33
C PHE B 198 13.70 27.96 8.88
N TYR B 199 14.65 27.12 9.37
CA TYR B 199 15.97 26.95 8.78
C TYR B 199 16.16 25.49 8.34
N PRO B 200 16.61 25.21 7.10
CA PRO B 200 16.82 26.24 6.07
C PRO B 200 15.53 26.91 5.63
N ARG B 201 15.63 28.13 5.10
CA ARG B 201 14.47 28.82 4.58
C ARG B 201 13.96 28.02 3.38
N PRO B 202 12.70 27.48 3.42
CA PRO B 202 12.11 26.84 2.24
C PRO B 202 11.73 27.88 1.18
N LYS B 203 11.19 27.41 0.05
CA LYS B 203 10.89 28.31 -1.06
C LYS B 203 9.38 28.57 -1.15
N VAL B 204 8.61 27.96 -0.24
CA VAL B 204 7.17 28.14 -0.22
C VAL B 204 6.73 28.26 1.24
N ASP B 205 5.56 28.87 1.46
CA ASP B 205 4.98 29.00 2.78
C ASP B 205 4.45 27.66 3.29
N SER B 206 4.31 27.58 4.60
CA SER B 206 3.69 26.46 5.29
C SER B 206 2.36 26.90 5.87
N ALA B 207 1.64 25.95 6.50
CA ALA B 207 0.37 26.25 7.11
C ALA B 207 0.19 25.39 8.35
N LEU B 208 -0.41 25.98 9.40
CA LEU B 208 -0.83 25.28 10.61
C LEU B 208 -2.24 24.75 10.38
N VAL B 209 -2.39 23.42 10.43
CA VAL B 209 -3.65 22.78 10.09
C VAL B 209 -4.20 22.10 11.33
N LEU B 210 -5.50 22.29 11.57
CA LEU B 210 -6.22 21.56 12.62
C LEU B 210 -7.08 20.47 11.99
N ILE B 211 -6.99 19.25 12.53
CA ILE B 211 -7.87 18.17 12.11
C ILE B 211 -8.57 17.62 13.34
N GLU B 212 -9.90 17.52 13.25
CA GLU B 212 -10.68 16.77 14.22
C GLU B 212 -11.42 15.65 13.50
N PRO B 213 -11.59 14.44 14.09
CA PRO B 213 -12.34 13.37 13.43
C PRO B 213 -13.80 13.79 13.25
N ARG B 214 -14.45 13.41 12.14
CA ARG B 214 -15.90 13.49 12.09
C ARG B 214 -16.54 12.57 13.13
N LYS B 215 -17.61 13.05 13.79
CA LYS B 215 -18.50 12.20 14.57
C LYS B 215 -19.11 11.12 13.67
N ASP B 216 -19.40 11.52 12.42
CA ASP B 216 -20.06 10.68 11.45
C ASP B 216 -19.07 10.34 10.33
N LYS B 217 -18.07 9.51 10.63
CA LYS B 217 -17.05 9.16 9.64
C LYS B 217 -17.69 8.39 8.47
N ILE B 218 -17.20 8.66 7.25
CA ILE B 218 -17.53 7.87 6.06
C ILE B 218 -16.31 7.02 5.69
N VAL B 219 -16.33 5.77 6.18
CA VAL B 219 -15.29 4.79 5.97
C VAL B 219 -15.42 4.27 4.55
N LEU B 220 -14.40 4.55 3.72
CA LEU B 220 -14.34 4.14 2.32
C LEU B 220 -13.22 3.11 2.13
N ASN B 221 -13.41 2.16 1.20
CA ASN B 221 -12.42 1.15 0.88
C ASN B 221 -11.25 1.81 0.11
N GLU B 222 -10.01 1.68 0.62
CA GLU B 222 -8.83 2.33 0.06
C GLU B 222 -8.54 1.90 -1.38
N ASN B 223 -8.67 0.61 -1.68
CA ASN B 223 -8.41 0.09 -3.01
C ASN B 223 -9.34 0.74 -4.06
N LEU B 224 -10.61 0.90 -3.69
CA LEU B 224 -11.57 1.58 -4.54
C LEU B 224 -11.14 3.03 -4.76
N VAL B 225 -10.77 3.75 -3.69
CA VAL B 225 -10.43 5.15 -3.86
C VAL B 225 -9.19 5.30 -4.74
N LYS B 226 -8.18 4.45 -4.54
CA LYS B 226 -6.96 4.44 -5.34
C LYS B 226 -7.29 4.20 -6.81
N ALA B 227 -8.13 3.17 -7.06
CA ALA B 227 -8.62 2.83 -8.38
C ALA B 227 -9.26 4.05 -9.06
N LEU B 228 -10.15 4.72 -8.33
CA LEU B 228 -10.91 5.84 -8.87
C LEU B 228 -9.99 7.03 -9.14
N PHE B 229 -9.07 7.35 -8.20
CA PHE B 229 -8.32 8.60 -8.25
C PHE B 229 -7.01 8.48 -9.04
N GLN B 230 -6.67 7.26 -9.51
CA GLN B 230 -5.60 7.07 -10.49
C GLN B 230 -5.64 8.11 -11.60
N HIS B 231 -6.79 8.28 -12.25
CA HIS B 231 -6.96 9.32 -13.26
C HIS B 231 -8.26 10.07 -12.97
N ARG B 232 -8.15 11.09 -12.11
CA ARG B 232 -9.30 11.66 -11.43
C ARG B 232 -10.12 12.53 -12.37
N ARG B 233 -9.61 12.85 -13.57
CA ARG B 233 -10.36 13.64 -14.53
C ARG B 233 -11.38 12.77 -15.28
N LYS B 234 -11.27 11.43 -15.16
CA LYS B 234 -12.14 10.53 -15.90
C LYS B 234 -13.54 10.48 -15.30
N THR B 235 -14.53 10.28 -16.19
CA THR B 235 -15.88 9.90 -15.77
C THR B 235 -15.79 8.61 -14.96
N VAL B 236 -16.76 8.42 -14.05
CA VAL B 236 -16.79 7.33 -13.08
C VAL B 236 -16.79 5.96 -13.79
N PRO B 237 -17.57 5.71 -14.87
CA PRO B 237 -17.53 4.42 -15.58
C PRO B 237 -16.19 4.12 -16.26
N ARG B 238 -15.64 5.11 -16.97
CA ARG B 238 -14.35 4.98 -17.62
C ARG B 238 -13.26 4.68 -16.59
N ALA B 239 -13.34 5.28 -15.39
CA ALA B 239 -12.33 5.11 -14.35
C ALA B 239 -12.30 3.67 -13.86
N LEU B 240 -13.50 3.11 -13.71
CA LEU B 240 -13.65 1.76 -13.15
C LEU B 240 -13.35 0.72 -14.22
N LYS B 241 -13.66 1.03 -15.49
CA LYS B 241 -13.37 0.15 -16.60
C LYS B 241 -11.85 0.01 -16.76
N ASP B 242 -11.15 1.15 -16.69
CA ASP B 242 -9.71 1.20 -16.85
C ASP B 242 -9.00 0.77 -15.57
N SER B 243 -9.68 0.43 -14.47
CA SER B 243 -8.97 -0.09 -13.32
C SER B 243 -9.46 -1.50 -12.94
N ILE B 244 -9.66 -2.35 -13.94
CA ILE B 244 -9.95 -3.76 -13.71
C ILE B 244 -8.67 -4.52 -13.36
N HIS B 245 -7.51 -4.09 -13.89
CA HIS B 245 -6.24 -4.67 -13.47
C HIS B 245 -6.07 -4.50 -11.97
N MET B 246 -6.47 -3.31 -11.49
CA MET B 246 -6.12 -2.79 -10.16
C MET B 246 -7.06 -3.35 -9.08
N LEU B 247 -8.34 -3.55 -9.41
CA LEU B 247 -9.25 -4.22 -8.47
C LEU B 247 -9.20 -5.74 -8.67
N GLY B 248 -8.80 -6.19 -9.86
CA GLY B 248 -8.68 -7.62 -10.16
C GLY B 248 -10.00 -8.21 -10.63
N VAL B 249 -10.62 -7.54 -11.63
CA VAL B 249 -11.82 -8.03 -12.30
C VAL B 249 -11.50 -8.31 -13.76
N SER B 250 -12.10 -9.36 -14.34
CA SER B 250 -11.99 -9.55 -15.77
C SER B 250 -12.71 -8.39 -16.46
N LYS B 251 -12.37 -8.15 -17.74
CA LYS B 251 -13.05 -7.18 -18.58
C LYS B 251 -14.49 -7.63 -18.87
N ASP B 252 -14.68 -8.94 -19.17
CA ASP B 252 -15.97 -9.49 -19.53
C ASP B 252 -16.98 -9.32 -18.39
N GLU B 253 -16.48 -9.37 -17.15
CA GLU B 253 -17.32 -9.42 -15.96
C GLU B 253 -17.96 -8.05 -15.67
N ILE B 254 -17.32 -6.95 -16.10
CA ILE B 254 -17.67 -5.62 -15.63
C ILE B 254 -18.68 -4.92 -16.55
N ARG B 255 -18.79 -5.33 -17.83
CA ARG B 255 -19.61 -4.62 -18.79
C ARG B 255 -20.95 -4.18 -18.18
N GLY B 256 -21.76 -5.15 -17.76
CA GLY B 256 -23.15 -4.91 -17.41
C GLY B 256 -23.32 -4.19 -16.08
N ILE B 257 -22.46 -4.55 -15.12
CA ILE B 257 -22.46 -3.95 -13.80
C ILE B 257 -22.15 -2.44 -13.88
N ILE B 258 -21.32 -2.02 -14.87
CA ILE B 258 -20.83 -0.65 -14.98
C ILE B 258 -21.93 0.32 -15.38
N ASN B 259 -22.89 -0.16 -16.20
CA ASN B 259 -23.95 0.69 -16.70
C ASN B 259 -24.83 1.22 -15.55
N ASN B 260 -24.86 0.48 -14.43
CA ASN B 260 -25.80 0.73 -13.35
C ASN B 260 -25.11 1.41 -12.19
N VAL B 261 -23.82 1.78 -12.32
CA VAL B 261 -23.06 2.25 -11.18
C VAL B 261 -23.63 3.61 -10.75
N PRO B 262 -23.83 3.86 -9.43
CA PRO B 262 -24.29 5.16 -8.97
C PRO B 262 -23.34 6.31 -9.29
N HIS B 263 -23.91 7.48 -9.59
CA HIS B 263 -23.20 8.72 -9.81
C HIS B 263 -22.35 8.65 -11.08
N SER B 264 -22.79 7.82 -12.02
CA SER B 264 -22.03 7.58 -13.24
C SER B 264 -21.92 8.84 -14.09
N ASN B 265 -22.74 9.87 -13.89
CA ASN B 265 -22.62 11.05 -14.73
C ASN B 265 -21.59 12.06 -14.19
N LYS B 266 -20.72 11.65 -13.24
CA LYS B 266 -19.71 12.54 -12.69
C LYS B 266 -18.29 12.11 -13.10
N ARG B 267 -17.37 13.05 -13.02
CA ARG B 267 -15.95 12.74 -13.06
C ARG B 267 -15.47 12.49 -11.64
N VAL B 268 -14.43 11.65 -11.47
CA VAL B 268 -14.04 11.21 -10.15
C VAL B 268 -13.73 12.42 -9.24
N PHE B 269 -13.17 13.49 -9.81
CA PHE B 269 -12.70 14.64 -9.02
C PHE B 269 -13.90 15.40 -8.43
N GLN B 270 -15.14 15.01 -8.76
CA GLN B 270 -16.33 15.72 -8.33
C GLN B 270 -17.09 14.95 -7.25
N LEU B 271 -16.61 13.76 -6.85
CA LEU B 271 -17.35 12.89 -5.94
C LEU B 271 -17.21 13.34 -4.49
N TYR B 272 -18.35 13.52 -3.83
CA TYR B 272 -18.42 13.60 -2.38
C TYR B 272 -18.13 12.20 -1.82
N PRO B 273 -17.58 12.10 -0.59
CA PRO B 273 -17.47 10.80 0.08
C PRO B 273 -18.74 9.96 0.08
N GLU B 274 -19.90 10.65 0.16
CA GLU B 274 -21.18 9.98 0.27
C GLU B 274 -21.40 9.21 -1.04
N GLU B 275 -20.96 9.81 -2.16
CA GLU B 275 -21.15 9.23 -3.48
C GLU B 275 -20.21 8.06 -3.74
N VAL B 276 -19.00 8.17 -3.20
CA VAL B 276 -18.02 7.10 -3.27
C VAL B 276 -18.57 5.90 -2.47
N LYS B 277 -19.21 6.18 -1.35
CA LYS B 277 -19.67 5.14 -0.45
C LYS B 277 -20.77 4.29 -1.09
N ASP B 278 -21.59 4.94 -1.93
CA ASP B 278 -22.64 4.28 -2.68
C ASP B 278 -22.06 3.34 -3.73
N ILE B 279 -21.01 3.84 -4.40
CA ILE B 279 -20.26 3.05 -5.38
C ILE B 279 -19.70 1.82 -4.65
N GLU B 280 -19.17 2.04 -3.43
CA GLU B 280 -18.64 0.95 -2.63
C GLU B 280 -19.74 -0.08 -2.43
N GLU B 281 -20.91 0.35 -1.98
CA GLU B 281 -21.94 -0.59 -1.55
C GLU B 281 -22.58 -1.26 -2.76
N TYR B 282 -22.64 -0.56 -3.90
CA TYR B 282 -23.09 -1.16 -5.15
C TYR B 282 -22.15 -2.30 -5.57
N LEU B 283 -20.84 -2.06 -5.44
CA LEU B 283 -19.80 -2.99 -5.86
C LEU B 283 -19.64 -4.12 -4.85
N LYS B 284 -19.71 -3.81 -3.55
CA LYS B 284 -19.73 -4.80 -2.48
C LYS B 284 -20.81 -5.84 -2.77
N LYS B 285 -22.03 -5.40 -3.09
CA LYS B 285 -23.14 -6.33 -3.20
C LYS B 285 -23.07 -7.10 -4.52
N HIS B 286 -22.34 -6.61 -5.54
CA HIS B 286 -22.21 -7.38 -6.79
C HIS B 286 -20.93 -8.22 -6.82
N GLY B 287 -20.21 -8.29 -5.69
CA GLY B 287 -19.11 -9.24 -5.53
C GLY B 287 -17.76 -8.69 -5.93
N ILE B 288 -17.70 -7.42 -6.37
CA ILE B 288 -16.48 -6.77 -6.81
C ILE B 288 -15.63 -6.35 -5.60
N ILE B 289 -16.26 -6.12 -4.43
CA ILE B 289 -15.54 -5.77 -3.22
C ILE B 289 -16.00 -6.71 -2.10
N SER B 290 -15.08 -6.98 -1.14
CA SER B 290 -15.44 -7.64 0.11
C SER B 290 -14.60 -7.02 1.25
ZN ZN C . -1.33 7.52 -15.82
ZN ZN D . -12.54 -19.10 -0.70
ZN ZN E . -6.64 -6.36 -19.83
ZN ZN F . 19.47 3.59 -19.14
S SO3 G . 23.31 0.84 -14.39
O1 SO3 G . 23.70 -0.40 -13.63
O2 SO3 G . 23.19 0.48 -15.87
O3 SO3 G . 24.50 1.75 -14.28
S SO3 H . -14.40 -15.63 -13.46
O1 SO3 H . -15.79 -15.12 -13.33
O2 SO3 H . -13.92 -15.26 -14.86
O3 SO3 H . -13.61 -14.77 -12.51
S SO3 I . 11.73 22.19 1.32
O1 SO3 I . 11.06 20.86 0.98
O2 SO3 I . 11.20 23.21 0.33
O3 SO3 I . 13.18 21.98 1.00
S SO3 J . -8.45 -37.59 0.67
O1 SO3 J . -8.75 -37.54 2.25
O2 SO3 J . -7.55 -38.81 0.39
O3 SO3 J . -9.72 -37.86 -0.12
S SO3 K . -8.28 -21.78 -25.03
O1 SO3 K . -9.41 -22.41 -24.24
O2 SO3 K . -8.68 -21.88 -26.47
O3 SO3 K . -7.12 -22.72 -24.89
C1 EDO L . -8.24 -19.06 -11.37
O1 EDO L . -6.96 -19.62 -11.53
C2 EDO L . -8.92 -18.87 -12.67
O2 EDO L . -8.89 -17.52 -13.08
C1 EDO M . -20.00 -17.51 3.54
O1 EDO M . -20.06 -18.30 4.71
C2 EDO M . -20.64 -18.17 2.40
O2 EDO M . -19.94 -19.30 1.91
C1 EDO N . -2.58 -29.86 12.46
O1 EDO N . -3.94 -29.65 12.76
C2 EDO N . -1.70 -29.14 13.39
O2 EDO N . -0.70 -28.46 12.70
N ARG O . 14.55 -22.90 -13.60
CA ARG O . 14.09 -24.05 -12.75
C ARG O . 15.22 -24.52 -11.81
O ARG O . 16.29 -23.89 -11.83
CB ARG O . 13.59 -25.20 -13.62
CG ARG O . 12.66 -24.76 -14.73
CD ARG O . 11.67 -25.86 -14.93
NE ARG O . 10.74 -25.63 -16.01
CZ ARG O . 9.72 -26.45 -16.18
NH1 ARG O . 9.50 -27.41 -15.28
NH2 ARG O . 8.91 -26.36 -17.24
OXT ARG O . 14.96 -25.51 -11.05
ZN ZN P . 1.69 21.83 -7.32
ZN ZN Q . -24.36 11.73 -7.79
ZN ZN R . 14.20 13.16 11.33
S SO3 S . -26.00 8.88 -2.18
O1 SO3 S . -26.96 7.71 -2.00
O2 SO3 S . -26.75 10.04 -2.80
O3 SO3 S . -25.68 9.28 -0.77
C1 GOL T . 3.28 35.42 1.51
O1 GOL T . 2.46 35.15 2.65
C2 GOL T . 4.75 35.24 1.79
O2 GOL T . 5.34 34.39 0.82
C3 GOL T . 5.07 34.71 3.19
O3 GOL T . 6.39 34.19 3.26
C1 PEG U . -1.82 4.94 2.37
O1 PEG U . -3.02 5.24 1.71
C2 PEG U . -1.36 3.51 2.14
O2 PEG U . -2.35 2.59 2.59
C3 PEG U . -1.82 1.44 3.25
C4 PEG U . -2.85 0.35 3.32
O4 PEG U . -3.35 0.17 4.64
C1 EDO V . -5.31 12.63 -15.86
O1 EDO V . -6.38 12.48 -14.92
C2 EDO V . -5.57 11.99 -17.19
O2 EDO V . -6.93 11.79 -17.55
C1 EDO W . 23.02 11.16 9.56
O1 EDO W . 22.79 10.17 10.55
C2 EDO W . 22.80 12.59 10.00
O2 EDO W . 23.32 12.90 11.28
N ARG X . -14.10 22.60 14.91
CA ARG X . -13.40 22.49 16.22
C ARG X . -14.30 21.64 17.15
O ARG X . -13.92 21.39 18.33
CB ARG X . -13.06 23.87 16.80
CG ARG X . -11.82 24.54 16.24
CD ARG X . -12.10 25.55 15.13
NE ARG X . -11.01 26.36 14.58
CZ ARG X . -9.98 26.82 15.28
NH1 ARG X . -9.72 26.35 16.48
NH2 ARG X . -9.18 27.74 14.76
OXT ARG X . -15.35 21.25 16.62
#